data_8P0D
#
_entry.id   8P0D
#
_cell.length_a   82.588
_cell.length_b   111.824
_cell.length_c   62.551
_cell.angle_alpha   90
_cell.angle_beta   90
_cell.angle_gamma   90
#
_symmetry.space_group_name_H-M   'C 2 2 21'
#
loop_
_entity.id
_entity.type
_entity.pdbx_description
1 polymer '14-3-3 protein sigma'
2 polymer 'E3 ubiquitin-protein ligase Mdm2'
3 non-polymer GLYCEROL
4 non-polymer DI(HYDROXYETHYL)ETHER
5 non-polymer 'CHLORIDE ION'
6 non-polymer 'MAGNESIUM ION'
7 water water
#
loop_
_entity_poly.entity_id
_entity_poly.type
_entity_poly.pdbx_seq_one_letter_code
_entity_poly.pdbx_strand_id
1 'polypeptide(L)'
;MSYYHHHHHHDYDIPTTENLYFQGAMGSMERASLIQKAKLAEQAERYEDMAAFMKGAVEKGEELS(CSD)EERNLLSVAY
KNVVGGQRAAWRVLSSIEQKSNEEGSEEKGPEVREYREKVETELQGVCDTVLGLLDSHLIKEAGDAESRVFYLKMKGDYY
RYLAEVATGDDKKRIIDSARSAYQEAMDISKKEMPPTNPIRLGLALNFSVFHYEIANSPEEAISLAKTTFDEAMADLHTL
SEDSYKDSTLIMQLLRDNLTLWT
;
A
2 'polypeptide(L)' RRRAI(SEP)ETEENSDELSGERQRKRHK(SEP)DSISL B
#
loop_
_chem_comp.id
_chem_comp.type
_chem_comp.name
_chem_comp.formula
CL non-polymer 'CHLORIDE ION' 'Cl -1'
GOL non-polymer GLYCEROL 'C3 H8 O3'
MG non-polymer 'MAGNESIUM ION' 'Mg 2'
PEG non-polymer DI(HYDROXYETHYL)ETHER 'C4 H10 O3'
#
# COMPACT_ATOMS: atom_id res chain seq x y z
N ALA A 25 -13.55 -10.02 13.97
N ALA A 25 -14.11 -7.87 15.99
CA ALA A 25 -13.89 -9.25 15.17
CA ALA A 25 -13.76 -9.15 15.39
C ALA A 25 -13.14 -9.83 16.39
C ALA A 25 -12.96 -9.87 16.41
N MET A 26 -13.19 -11.17 16.58
CA MET A 26 -12.43 -11.92 17.60
C MET A 26 -12.62 -11.31 18.97
N GLY A 27 -13.85 -10.83 19.21
CA GLY A 27 -14.19 -10.06 20.37
C GLY A 27 -13.93 -10.77 21.68
N SER A 28 -13.91 -12.10 21.69
CA SER A 28 -13.68 -12.82 22.95
C SER A 28 -12.21 -13.10 23.21
N MET A 29 -11.30 -12.78 22.28
CA MET A 29 -9.88 -13.01 22.46
CA MET A 29 -9.88 -13.03 22.49
C MET A 29 -9.21 -11.79 23.07
N GLU A 30 -8.27 -12.01 23.99
CA GLU A 30 -7.52 -10.91 24.58
C GLU A 30 -6.69 -10.22 23.49
N ARG A 31 -6.49 -8.89 23.64
CA ARG A 31 -5.65 -8.16 22.70
C ARG A 31 -4.25 -8.81 22.59
N ALA A 32 -3.62 -9.11 23.74
CA ALA A 32 -2.25 -9.65 23.69
C ALA A 32 -2.20 -11.01 22.97
N SER A 33 -3.26 -11.80 23.15
CA SER A 33 -3.31 -13.11 22.49
C SER A 33 -3.47 -12.91 20.97
N LEU A 34 -4.25 -11.94 20.54
CA LEU A 34 -4.39 -11.65 19.11
C LEU A 34 -3.05 -11.24 18.50
N ILE A 35 -2.27 -10.40 19.19
CA ILE A 35 -0.99 -9.98 18.64
CA ILE A 35 -0.96 -9.98 18.69
C ILE A 35 -0.01 -11.17 18.64
N GLN A 36 -0.02 -11.97 19.69
CA GLN A 36 0.85 -13.17 19.74
C GLN A 36 0.50 -14.11 18.59
N LYS A 37 -0.80 -14.31 18.34
CA LYS A 37 -1.21 -15.22 17.25
C LYS A 37 -0.96 -14.61 15.89
N ALA A 38 -1.00 -13.27 15.74
CA ALA A 38 -0.63 -12.67 14.46
C ALA A 38 0.86 -12.98 14.15
N LYS A 39 1.72 -12.93 15.18
CA LYS A 39 3.15 -13.23 14.97
C LYS A 39 3.35 -14.69 14.61
N LEU A 40 2.57 -15.58 15.21
CA LEU A 40 2.64 -17.03 14.87
C LEU A 40 2.16 -17.23 13.43
N ALA A 41 1.07 -16.56 13.05
CA ALA A 41 0.53 -16.68 11.71
C ALA A 41 1.52 -16.19 10.69
N GLU A 42 2.23 -15.11 10.99
CA GLU A 42 3.28 -14.63 10.10
C GLU A 42 4.38 -15.69 9.90
N GLN A 43 4.82 -16.33 10.98
CA GLN A 43 5.83 -17.38 10.87
C GLN A 43 5.34 -18.57 10.06
N ALA A 44 4.04 -18.86 10.16
CA ALA A 44 3.41 -19.96 9.42
C ALA A 44 2.99 -19.54 8.00
N GLU A 45 3.21 -18.31 7.59
CA GLU A 45 2.78 -17.79 6.30
C GLU A 45 1.26 -17.92 6.11
N ARG A 46 0.50 -17.69 7.18
CA ARG A 46 -0.93 -17.74 7.17
C ARG A 46 -1.44 -16.31 7.25
N TYR A 47 -1.33 -15.61 6.11
CA TYR A 47 -1.59 -14.18 6.13
C TYR A 47 -3.04 -13.77 6.29
N GLU A 48 -4.00 -14.57 5.83
CA GLU A 48 -5.42 -14.25 6.05
CA GLU A 48 -5.41 -14.28 6.02
C GLU A 48 -5.70 -14.35 7.53
N ASP A 49 -5.17 -15.39 8.21
CA ASP A 49 -5.34 -15.48 9.67
C ASP A 49 -4.65 -14.29 10.33
N MET A 50 -3.45 -13.94 9.88
CA MET A 50 -2.68 -12.84 10.49
C MET A 50 -3.49 -11.55 10.41
N ALA A 51 -4.10 -11.29 9.25
CA ALA A 51 -4.91 -10.10 9.08
C ALA A 51 -6.12 -10.12 9.96
N ALA A 52 -6.80 -11.24 10.07
CA ALA A 52 -7.95 -11.33 10.95
C ALA A 52 -7.57 -11.11 12.42
N PHE A 53 -6.40 -11.63 12.86
CA PHE A 53 -5.96 -11.38 14.22
C PHE A 53 -5.69 -9.90 14.44
N MET A 54 -5.02 -9.27 13.46
CA MET A 54 -4.72 -7.84 13.60
C MET A 54 -5.94 -6.97 13.51
N LYS A 55 -6.92 -7.34 12.70
CA LYS A 55 -8.20 -6.60 12.66
C LYS A 55 -8.88 -6.68 14.03
N GLY A 56 -8.87 -7.87 14.63
CA GLY A 56 -9.42 -7.99 15.97
C GLY A 56 -8.67 -7.12 16.97
N ALA A 57 -7.32 -7.07 16.86
CA ALA A 57 -6.53 -6.24 17.76
C ALA A 57 -6.89 -4.77 17.59
N VAL A 58 -6.97 -4.29 16.36
CA VAL A 58 -7.35 -2.87 16.14
C VAL A 58 -8.71 -2.58 16.76
N GLU A 59 -9.67 -3.50 16.56
CA GLU A 59 -11.03 -3.28 17.03
C GLU A 59 -11.15 -3.31 18.55
N LYS A 60 -10.08 -3.67 19.27
CA LYS A 60 -10.10 -3.48 20.73
C LYS A 60 -10.14 -2.01 21.11
N GLY A 61 -9.72 -1.13 20.19
CA GLY A 61 -9.86 0.28 20.43
C GLY A 61 -8.68 0.96 21.07
N GLU A 62 -7.57 0.28 21.29
CA GLU A 62 -6.36 0.92 21.80
C GLU A 62 -5.47 1.25 20.57
N GLU A 63 -4.66 2.28 20.69
CA GLU A 63 -3.70 2.62 19.65
C GLU A 63 -2.69 1.45 19.48
N LEU A 64 -2.03 1.43 18.34
CA LEU A 64 -1.07 0.38 18.02
C LEU A 64 0.34 0.89 18.19
N SER A 65 1.21 0.06 18.72
CA SER A 65 2.62 0.39 18.80
C SER A 65 3.26 0.31 17.42
N CSD A 66 4.54 0.73 17.31
CA CSD A 66 5.20 0.61 16.00
CB CSD A 66 6.66 1.19 16.27
SG CSD A 66 7.68 1.04 14.81
C CSD A 66 5.25 -0.86 15.51
O CSD A 66 4.94 -1.12 14.32
OD1 CSD A 66 8.32 -0.32 14.67
OD2 CSD A 66 7.56 2.16 13.63
N GLU A 67 5.60 -1.80 16.36
CA GLU A 67 5.66 -3.21 15.95
C GLU A 67 4.28 -3.68 15.51
N GLU A 68 3.23 -3.27 16.23
CA GLU A 68 1.85 -3.72 15.92
C GLU A 68 1.38 -3.11 14.60
N ARG A 69 1.74 -1.85 14.33
CA ARG A 69 1.44 -1.23 13.03
C ARG A 69 2.09 -2.01 11.88
N ASN A 70 3.35 -2.43 12.08
CA ASN A 70 4.02 -3.24 11.08
C ASN A 70 3.33 -4.57 10.89
N LEU A 71 2.80 -5.19 11.96
CA LEU A 71 2.12 -6.48 11.78
C LEU A 71 0.86 -6.30 10.97
N LEU A 72 0.14 -5.21 11.24
CA LEU A 72 -1.11 -4.92 10.50
C LEU A 72 -0.82 -4.76 9.02
N SER A 73 0.22 -3.98 8.73
CA SER A 73 0.64 -3.73 7.36
C SER A 73 1.11 -4.96 6.64
N VAL A 74 1.98 -5.75 7.27
CA VAL A 74 2.47 -6.97 6.65
C VAL A 74 1.30 -7.91 6.31
N ALA A 75 0.37 -8.07 7.25
CA ALA A 75 -0.72 -9.03 7.07
C ALA A 75 -1.57 -8.64 5.86
N TYR A 76 -2.06 -7.40 5.81
CA TYR A 76 -2.93 -7.00 4.71
C TYR A 76 -2.18 -6.84 3.40
N LYS A 77 -0.88 -6.47 3.41
CA LYS A 77 -0.13 -6.35 2.16
CA LYS A 77 -0.14 -6.35 2.16
C LYS A 77 -0.04 -7.71 1.51
N ASN A 78 0.17 -8.77 2.31
CA ASN A 78 0.28 -10.08 1.74
C ASN A 78 -1.04 -10.60 1.25
N VAL A 79 -2.13 -10.33 1.97
CA VAL A 79 -3.46 -10.76 1.49
C VAL A 79 -3.80 -10.06 0.18
N VAL A 80 -3.73 -8.72 0.16
CA VAL A 80 -4.10 -7.99 -1.04
CA VAL A 80 -4.10 -8.00 -1.06
C VAL A 80 -3.12 -8.28 -2.15
N GLY A 81 -1.84 -8.56 -1.83
CA GLY A 81 -0.85 -8.86 -2.85
C GLY A 81 -1.20 -10.10 -3.62
N GLY A 82 -1.70 -11.14 -2.96
CA GLY A 82 -2.14 -12.34 -3.65
C GLY A 82 -3.34 -12.05 -4.53
N GLN A 83 -4.27 -11.24 -4.02
CA GLN A 83 -5.48 -10.92 -4.79
C GLN A 83 -5.09 -10.10 -6.03
N ARG A 84 -4.21 -9.11 -5.87
CA ARG A 84 -3.76 -8.30 -7.00
C ARG A 84 -3.08 -9.14 -8.07
N ALA A 85 -2.21 -10.05 -7.64
CA ALA A 85 -1.51 -10.92 -8.60
C ALA A 85 -2.52 -11.78 -9.36
N ALA A 86 -3.52 -12.31 -8.66
CA ALA A 86 -4.56 -13.12 -9.33
C ALA A 86 -5.39 -12.29 -10.29
N TRP A 87 -5.73 -11.08 -9.88
CA TRP A 87 -6.52 -10.18 -10.70
C TRP A 87 -5.77 -9.84 -11.96
N ARG A 88 -4.46 -9.63 -11.85
CA ARG A 88 -3.69 -9.28 -13.04
C ARG A 88 -3.64 -10.44 -14.02
N VAL A 89 -3.54 -11.65 -13.53
CA VAL A 89 -3.52 -12.84 -14.38
C VAL A 89 -4.87 -12.93 -15.13
N LEU A 90 -5.97 -12.79 -14.38
CA LEU A 90 -7.31 -12.94 -14.94
C LEU A 90 -7.63 -11.81 -15.90
N SER A 91 -7.23 -10.57 -15.56
CA SER A 91 -7.50 -9.45 -16.46
CA SER A 91 -7.48 -9.43 -16.44
C SER A 91 -6.75 -9.62 -17.77
N SER A 92 -5.54 -10.16 -17.72
CA SER A 92 -4.75 -10.40 -18.95
C SER A 92 -5.45 -11.43 -19.80
N ILE A 93 -5.96 -12.51 -19.19
CA ILE A 93 -6.69 -13.54 -19.96
C ILE A 93 -7.96 -12.93 -20.59
N GLU A 94 -8.64 -12.06 -19.85
CA GLU A 94 -9.90 -11.44 -20.29
C GLU A 94 -9.63 -10.49 -21.44
N GLN A 95 -8.55 -9.71 -21.36
CA GLN A 95 -8.21 -8.77 -22.43
CA GLN A 95 -8.23 -8.78 -22.44
C GLN A 95 -7.86 -9.56 -23.70
N LYS A 96 -7.12 -10.67 -23.59
CA LYS A 96 -6.78 -11.49 -24.76
C LYS A 96 -8.06 -12.03 -25.40
N SER A 97 -9.05 -12.44 -24.59
CA SER A 97 -10.34 -12.94 -25.08
C SER A 97 -11.16 -11.90 -25.85
N ASN A 98 -10.90 -10.61 -25.62
CA ASN A 98 -11.59 -9.52 -26.29
C ASN A 98 -10.83 -9.00 -27.53
N GLU A 99 -9.71 -9.65 -27.93
CA GLU A 99 -8.97 -9.25 -29.13
C GLU A 99 -9.64 -9.83 -30.39
N GLU A 100 -9.29 -9.28 -31.58
CA GLU A 100 -9.79 -9.76 -32.85
C GLU A 100 -9.29 -11.18 -33.08
N GLY A 101 -10.15 -12.07 -33.55
CA GLY A 101 -9.79 -13.45 -33.82
C GLY A 101 -9.94 -14.39 -32.62
N SER A 102 -10.19 -13.85 -31.41
CA SER A 102 -10.35 -14.70 -30.22
C SER A 102 -11.72 -15.40 -30.24
N GLU A 103 -11.75 -16.71 -29.90
CA GLU A 103 -12.99 -17.49 -29.85
C GLU A 103 -13.77 -17.12 -28.57
N GLU A 104 -15.12 -17.10 -28.63
CA GLU A 104 -16.01 -16.67 -27.56
C GLU A 104 -15.80 -17.32 -26.15
N LYS A 105 -16.09 -18.61 -25.97
CA LYS A 105 -15.97 -19.39 -24.71
C LYS A 105 -16.83 -18.84 -23.49
N GLY A 106 -17.55 -17.72 -23.63
CA GLY A 106 -18.54 -17.33 -22.64
C GLY A 106 -18.19 -16.35 -21.54
N PRO A 107 -19.07 -16.28 -20.53
CA PRO A 107 -18.90 -15.27 -19.49
C PRO A 107 -17.93 -15.62 -18.37
N GLU A 108 -17.34 -16.83 -18.38
CA GLU A 108 -16.62 -17.31 -17.22
C GLU A 108 -15.39 -16.51 -16.82
N VAL A 109 -14.56 -16.08 -17.77
CA VAL A 109 -13.36 -15.31 -17.46
C VAL A 109 -13.76 -14.01 -16.76
N ARG A 110 -14.72 -13.29 -17.36
CA ARG A 110 -15.18 -12.03 -16.75
C ARG A 110 -15.78 -12.28 -15.40
N GLU A 111 -16.62 -13.31 -15.26
CA GLU A 111 -17.27 -13.59 -13.96
C GLU A 111 -16.23 -13.82 -12.88
N TYR A 112 -15.21 -14.65 -13.20
CA TYR A 112 -14.22 -15.01 -12.20
C TYR A 112 -13.30 -13.83 -11.88
N ARG A 113 -12.95 -13.04 -12.89
CA ARG A 113 -12.20 -11.80 -12.61
C ARG A 113 -13.02 -10.89 -11.72
N GLU A 114 -14.33 -10.79 -11.98
CA GLU A 114 -15.21 -9.97 -11.13
C GLU A 114 -15.26 -10.49 -9.72
N LYS A 115 -15.24 -11.82 -9.53
CA LYS A 115 -15.30 -12.41 -8.19
CA LYS A 115 -15.30 -12.40 -8.19
C LYS A 115 -14.04 -12.00 -7.42
N VAL A 116 -12.88 -12.17 -8.05
CA VAL A 116 -11.62 -11.84 -7.40
C VAL A 116 -11.57 -10.34 -7.13
N GLU A 117 -12.01 -9.53 -8.12
CA GLU A 117 -12.05 -8.08 -7.96
C GLU A 117 -12.88 -7.65 -6.76
N THR A 118 -14.05 -8.25 -6.60
CA THR A 118 -14.95 -7.90 -5.49
C THR A 118 -14.30 -8.27 -4.17
N GLU A 119 -13.62 -9.42 -4.10
CA GLU A 119 -12.97 -9.81 -2.85
CA GLU A 119 -12.95 -9.85 -2.88
C GLU A 119 -11.81 -8.86 -2.53
N LEU A 120 -11.05 -8.47 -3.56
CA LEU A 120 -9.94 -7.49 -3.36
C LEU A 120 -10.51 -6.17 -2.89
N GLN A 121 -11.62 -5.70 -3.50
CA GLN A 121 -12.23 -4.45 -3.06
C GLN A 121 -12.69 -4.57 -1.62
N GLY A 122 -13.22 -5.71 -1.24
CA GLY A 122 -13.66 -5.90 0.12
C GLY A 122 -12.53 -5.81 1.14
N VAL A 123 -11.34 -6.36 0.81
CA VAL A 123 -10.18 -6.27 1.69
C VAL A 123 -9.74 -4.81 1.78
N CYS A 124 -9.71 -4.09 0.65
CA CYS A 124 -9.34 -2.69 0.71
C CYS A 124 -10.32 -1.91 1.59
N ASP A 125 -11.62 -2.12 1.42
CA ASP A 125 -12.64 -1.44 2.20
C ASP A 125 -12.50 -1.77 3.68
N THR A 126 -12.10 -2.99 4.00
CA THR A 126 -11.91 -3.36 5.42
C THR A 126 -10.73 -2.59 6.00
N VAL A 127 -9.62 -2.51 5.28
CA VAL A 127 -8.44 -1.77 5.81
C VAL A 127 -8.81 -0.30 5.93
N LEU A 128 -9.44 0.27 4.88
CA LEU A 128 -9.83 1.68 4.96
C LEU A 128 -10.79 1.95 6.13
N GLY A 129 -11.63 0.98 6.42
CA GLY A 129 -12.56 1.09 7.54
C GLY A 129 -11.82 1.12 8.86
N LEU A 130 -10.77 0.32 9.00
CA LEU A 130 -10.01 0.35 10.24
C LEU A 130 -9.31 1.66 10.39
N LEU A 131 -8.77 2.21 9.29
CA LEU A 131 -8.10 3.50 9.36
C LEU A 131 -9.06 4.58 9.73
N ASP A 132 -10.28 4.53 9.19
CA ASP A 132 -11.28 5.54 9.45
CA ASP A 132 -11.29 5.54 9.45
C ASP A 132 -12.00 5.39 10.79
N SER A 133 -11.98 4.20 11.35
CA SER A 133 -12.67 3.86 12.59
C SER A 133 -11.79 3.01 13.50
N HIS A 134 -10.81 3.60 14.19
CA HIS A 134 -10.52 5.01 14.35
C HIS A 134 -9.02 5.27 14.42
N LEU A 135 -8.23 4.49 13.63
CA LEU A 135 -6.79 4.61 13.75
C LEU A 135 -6.23 5.98 13.46
N ILE A 136 -6.65 6.58 12.35
CA ILE A 136 -6.09 7.86 11.94
C ILE A 136 -6.43 8.94 12.98
N LYS A 137 -7.70 9.05 13.35
CA LYS A 137 -8.06 10.17 14.25
C LYS A 137 -7.39 10.09 15.60
N GLU A 138 -7.02 8.89 16.05
CA GLU A 138 -6.36 8.75 17.35
C GLU A 138 -4.83 8.85 17.23
N ALA A 139 -4.28 8.92 15.98
CA ALA A 139 -2.83 9.01 15.77
C ALA A 139 -2.36 10.47 15.77
N GLY A 140 -1.70 10.84 16.82
CA GLY A 140 -1.18 12.19 17.04
C GLY A 140 0.29 12.35 16.76
N ASP A 141 1.09 11.28 16.92
CA ASP A 141 2.50 11.42 16.64
CA ASP A 141 2.51 11.36 16.63
C ASP A 141 2.72 11.29 15.18
N ALA A 142 3.76 11.94 14.68
CA ALA A 142 4.05 11.90 13.25
C ALA A 142 4.28 10.52 12.74
N GLU A 143 4.97 9.64 13.47
CA GLU A 143 5.28 8.33 12.98
CA GLU A 143 5.29 8.32 12.95
C GLU A 143 4.00 7.52 12.74
N SER A 144 3.05 7.60 13.68
CA SER A 144 1.83 6.82 13.53
C SER A 144 0.93 7.46 12.48
N ARG A 145 0.77 8.78 12.51
CA ARG A 145 -0.13 9.43 11.54
C ARG A 145 0.34 9.25 10.12
N VAL A 146 1.64 9.40 9.85
CA VAL A 146 2.16 9.22 8.50
C VAL A 146 2.00 7.78 8.08
N PHE A 147 2.27 6.82 9.01
CA PHE A 147 2.10 5.41 8.64
C PHE A 147 0.68 5.11 8.16
N TYR A 148 -0.32 5.60 8.92
CA TYR A 148 -1.70 5.31 8.59
C TYR A 148 -2.16 6.03 7.34
N LEU A 149 -1.71 7.28 7.13
CA LEU A 149 -2.11 8.00 5.93
C LEU A 149 -1.46 7.40 4.69
N LYS A 150 -0.21 6.90 4.82
CA LYS A 150 0.40 6.13 3.73
C LYS A 150 -0.43 4.89 3.44
N MET A 151 -0.88 4.17 4.48
CA MET A 151 -1.71 2.97 4.24
CA MET A 151 -1.70 2.99 4.25
C MET A 151 -2.99 3.35 3.53
N LYS A 152 -3.59 4.47 3.91
CA LYS A 152 -4.82 4.93 3.27
C LYS A 152 -4.57 5.19 1.76
N GLY A 153 -3.47 5.84 1.46
CA GLY A 153 -3.08 6.08 0.06
C GLY A 153 -2.91 4.74 -0.69
N ASP A 154 -2.22 3.80 -0.05
CA ASP A 154 -1.94 2.51 -0.67
C ASP A 154 -3.20 1.76 -1.00
N TYR A 155 -4.15 1.70 -0.05
CA TYR A 155 -5.35 0.89 -0.31
C TYR A 155 -6.31 1.62 -1.25
N TYR A 156 -6.33 2.93 -1.29
CA TYR A 156 -7.08 3.58 -2.37
C TYR A 156 -6.36 3.36 -3.71
N ARG A 157 -5.02 3.26 -3.70
CA ARG A 157 -4.28 2.99 -4.92
C ARG A 157 -4.66 1.58 -5.44
N TYR A 158 -4.78 0.60 -4.55
CA TYR A 158 -5.17 -0.75 -5.00
C TYR A 158 -6.57 -0.71 -5.53
N LEU A 159 -7.49 0.03 -4.91
CA LEU A 159 -8.83 0.21 -5.50
C LEU A 159 -8.75 0.86 -6.88
N ALA A 160 -7.85 1.82 -7.03
CA ALA A 160 -7.71 2.49 -8.33
C ALA A 160 -7.24 1.58 -9.43
N GLU A 161 -6.35 0.65 -9.08
CA GLU A 161 -5.82 -0.30 -10.08
C GLU A 161 -6.93 -1.08 -10.79
N VAL A 162 -8.05 -1.32 -10.10
CA VAL A 162 -9.16 -2.12 -10.69
C VAL A 162 -10.40 -1.29 -11.01
N ALA A 163 -10.37 0.04 -10.77
CA ALA A 163 -11.52 0.90 -11.01
C ALA A 163 -11.63 1.28 -12.47
N THR A 164 -12.86 1.24 -13.00
N THR A 164 -12.85 1.43 -12.95
CA THR A 164 -13.16 1.55 -14.40
CA THR A 164 -13.09 1.83 -14.33
C THR A 164 -14.44 2.37 -14.60
C THR A 164 -13.46 3.29 -14.36
N GLY A 165 -15.21 2.63 -13.54
N GLY A 165 -13.19 3.93 -15.49
CA GLY A 165 -16.48 3.32 -13.63
CA GLY A 165 -13.45 5.35 -15.69
C GLY A 165 -16.44 4.81 -13.31
C GLY A 165 -14.86 5.77 -15.31
N ASP A 166 -17.57 5.33 -12.87
N ASP A 166 -15.12 6.98 -14.77
CA ASP A 166 -17.70 6.77 -12.63
CA ASP A 166 -14.17 8.07 -14.47
C ASP A 166 -17.08 7.27 -11.32
C ASP A 166 -14.65 8.79 -13.23
N ASP A 167 -16.52 6.35 -10.51
N ASP A 167 -14.62 7.99 -12.15
N ASP A 167 -16.58 6.36 -10.48
CA ASP A 167 -15.84 6.64 -9.24
CA ASP A 167 -14.77 8.11 -10.70
CA ASP A 167 -15.84 6.80 -9.30
C ASP A 167 -14.32 6.60 -9.40
C ASP A 167 -14.70 6.74 -10.07
C ASP A 167 -14.31 6.60 -9.41
N LYS A 168 -13.72 5.98 -10.47
CA LYS A 168 -12.26 5.97 -10.63
C LYS A 168 -11.53 7.31 -10.28
N LYS A 169 -11.97 8.40 -10.88
CA LYS A 169 -11.40 9.73 -10.57
C LYS A 169 -11.46 10.07 -9.07
N ARG A 170 -12.60 9.82 -8.37
CA ARG A 170 -12.69 10.13 -6.95
C ARG A 170 -11.77 9.18 -6.17
N ILE A 171 -11.63 7.89 -6.58
CA ILE A 171 -10.74 6.96 -5.90
C ILE A 171 -9.30 7.43 -6.04
N ILE A 172 -8.90 7.83 -7.25
CA ILE A 172 -7.55 8.34 -7.49
C ILE A 172 -7.29 9.57 -6.63
N ASP A 173 -8.29 10.48 -6.56
CA ASP A 173 -8.11 11.68 -5.74
C ASP A 173 -7.98 11.35 -4.25
N SER A 174 -8.72 10.34 -3.76
CA SER A 174 -8.62 9.95 -2.36
C SER A 174 -7.22 9.41 -2.07
N ALA A 175 -6.68 8.61 -3.03
CA ALA A 175 -5.30 8.12 -2.81
C ALA A 175 -4.33 9.32 -2.77
N ARG A 176 -4.44 10.22 -3.74
CA ARG A 176 -3.57 11.38 -3.82
CA ARG A 176 -3.57 11.39 -3.82
C ARG A 176 -3.64 12.24 -2.55
N SER A 177 -4.84 12.48 -2.07
CA SER A 177 -5.04 13.32 -0.90
C SER A 177 -4.42 12.70 0.34
N ALA A 178 -4.56 11.38 0.50
CA ALA A 178 -3.95 10.72 1.68
C ALA A 178 -2.42 10.76 1.59
N TYR A 179 -1.86 10.45 0.38
CA TYR A 179 -0.39 10.50 0.24
C TYR A 179 0.14 11.91 0.46
N GLN A 180 -0.61 12.90 0.00
CA GLN A 180 -0.15 14.30 0.11
C GLN A 180 -0.13 14.73 1.54
N GLU A 181 -1.20 14.40 2.30
CA GLU A 181 -1.20 14.77 3.73
C GLU A 181 -0.05 14.05 4.46
N ALA A 182 0.18 12.78 4.12
CA ALA A 182 1.28 12.05 4.75
C ALA A 182 2.63 12.69 4.41
N MET A 183 2.80 13.08 3.15
CA MET A 183 4.03 13.72 2.69
CA MET A 183 4.05 13.71 2.72
C MET A 183 4.27 15.04 3.42
N ASP A 184 3.21 15.85 3.56
CA ASP A 184 3.36 17.16 4.23
C ASP A 184 3.82 17.00 5.67
N ILE A 185 3.25 16.01 6.37
CA ILE A 185 3.68 15.78 7.77
C ILE A 185 5.08 15.24 7.80
N SER A 186 5.37 14.26 6.91
CA SER A 186 6.70 13.62 6.94
C SER A 186 7.81 14.63 6.68
N LYS A 187 7.58 15.54 5.75
CA LYS A 187 8.63 16.52 5.43
C LYS A 187 8.86 17.48 6.58
N LYS A 188 7.83 17.78 7.37
CA LYS A 188 8.00 18.69 8.52
C LYS A 188 8.56 18.02 9.75
N GLU A 189 8.21 16.74 9.97
CA GLU A 189 8.44 16.05 11.20
C GLU A 189 9.44 14.93 11.21
N MET A 190 9.90 14.44 10.05
CA MET A 190 10.80 13.30 10.02
C MET A 190 12.02 13.62 9.21
N PRO A 191 13.18 12.98 9.53
CA PRO A 191 14.37 13.23 8.70
C PRO A 191 14.20 12.59 7.33
N PRO A 192 14.98 13.02 6.33
CA PRO A 192 14.84 12.46 5.00
C PRO A 192 15.23 11.01 4.84
N THR A 193 15.91 10.41 5.81
CA THR A 193 16.25 9.00 5.77
C THR A 193 15.26 8.13 6.51
N ASN A 194 14.23 8.70 7.15
CA ASN A 194 13.29 7.89 7.92
C ASN A 194 12.66 6.83 7.04
N PRO A 195 12.74 5.53 7.38
CA PRO A 195 12.17 4.52 6.51
C PRO A 195 10.71 4.66 6.11
N ILE A 196 9.87 5.21 7.02
CA ILE A 196 8.45 5.40 6.69
C ILE A 196 8.36 6.52 5.68
N ARG A 197 9.07 7.61 5.91
CA ARG A 197 9.12 8.73 4.94
C ARG A 197 9.58 8.26 3.57
N LEU A 198 10.61 7.42 3.55
CA LEU A 198 11.10 6.88 2.30
C LEU A 198 10.09 5.95 1.61
N GLY A 199 9.47 5.05 2.37
CA GLY A 199 8.47 4.13 1.79
C GLY A 199 7.26 4.87 1.28
N LEU A 200 6.89 5.95 1.97
CA LEU A 200 5.79 6.79 1.50
C LEU A 200 6.14 7.42 0.17
N ALA A 201 7.31 8.03 0.07
CA ALA A 201 7.70 8.68 -1.16
C ALA A 201 7.80 7.68 -2.31
N LEU A 202 8.35 6.49 -2.02
CA LEU A 202 8.42 5.43 -3.03
C LEU A 202 7.01 5.10 -3.56
N ASN A 203 6.07 4.88 -2.65
CA ASN A 203 4.72 4.48 -3.07
C ASN A 203 3.95 5.59 -3.74
N PHE A 204 4.17 6.86 -3.30
CA PHE A 204 3.52 7.99 -3.95
C PHE A 204 4.12 8.15 -5.37
N SER A 205 5.40 7.86 -5.53
CA SER A 205 6.01 7.94 -6.88
CA SER A 205 6.03 7.92 -6.85
C SER A 205 5.40 6.86 -7.76
N VAL A 206 5.20 5.66 -7.22
CA VAL A 206 4.51 4.60 -8.02
C VAL A 206 3.09 5.01 -8.37
N PHE A 207 2.38 5.67 -7.44
CA PHE A 207 1.04 6.21 -7.71
C PHE A 207 1.10 7.18 -8.92
N HIS A 208 2.07 8.11 -8.88
CA HIS A 208 2.19 9.04 -9.98
C HIS A 208 2.42 8.33 -11.31
N TYR A 209 3.30 7.35 -11.31
CA TYR A 209 3.69 6.70 -12.54
C TYR A 209 2.56 5.83 -13.12
N GLU A 210 2.01 4.96 -12.26
CA GLU A 210 1.05 3.95 -12.71
C GLU A 210 -0.40 4.31 -12.65
N ILE A 211 -0.81 5.17 -11.74
CA ILE A 211 -2.21 5.52 -11.56
CA ILE A 211 -2.23 5.48 -11.58
C ILE A 211 -2.57 6.88 -12.13
N ALA A 212 -1.74 7.89 -11.84
CA ALA A 212 -2.02 9.27 -12.21
C ALA A 212 -1.50 9.66 -13.59
N ASN A 213 -0.81 8.76 -14.29
CA ASN A 213 -0.28 9.04 -15.63
C ASN A 213 0.63 10.25 -15.61
N SER A 214 1.45 10.35 -14.54
CA SER A 214 2.37 11.48 -14.33
C SER A 214 3.78 10.98 -14.16
N PRO A 215 4.36 10.36 -15.22
CA PRO A 215 5.69 9.76 -15.08
C PRO A 215 6.75 10.80 -14.70
N GLU A 216 6.65 12.03 -15.18
CA GLU A 216 7.66 13.04 -14.79
C GLU A 216 7.60 13.38 -13.32
N GLU A 217 6.39 13.46 -12.74
CA GLU A 217 6.23 13.72 -11.32
C GLU A 217 6.82 12.53 -10.54
N ALA A 218 6.53 11.30 -11.02
CA ALA A 218 7.08 10.11 -10.37
C ALA A 218 8.62 10.11 -10.33
N ILE A 219 9.23 10.43 -11.45
CA ILE A 219 10.70 10.47 -11.56
C ILE A 219 11.26 11.57 -10.66
N SER A 220 10.67 12.75 -10.72
CA SER A 220 11.14 13.88 -9.92
CA SER A 220 11.15 13.88 -9.91
C SER A 220 11.08 13.57 -8.42
N LEU A 221 9.97 12.98 -7.99
CA LEU A 221 9.81 12.64 -6.58
C LEU A 221 10.84 11.60 -6.15
N ALA A 222 11.01 10.55 -6.97
CA ALA A 222 11.97 9.50 -6.60
C ALA A 222 13.40 10.04 -6.52
N LYS A 223 13.78 10.87 -7.47
CA LYS A 223 15.14 11.47 -7.52
CA LYS A 223 15.12 11.44 -7.52
C LYS A 223 15.37 12.39 -6.35
N THR A 224 14.45 13.33 -6.07
CA THR A 224 14.61 14.24 -4.96
CA THR A 224 14.68 14.24 -4.94
C THR A 224 14.68 13.47 -3.64
N THR A 225 13.80 12.50 -3.49
CA THR A 225 13.80 11.72 -2.23
C THR A 225 15.11 10.97 -2.04
N PHE A 226 15.60 10.33 -3.13
CA PHE A 226 16.87 9.60 -3.05
C PHE A 226 18.01 10.53 -2.69
N ASP A 227 18.12 11.67 -3.37
CA ASP A 227 19.22 12.57 -3.17
C ASP A 227 19.19 13.19 -1.76
N GLU A 228 18.03 13.56 -1.27
CA GLU A 228 17.93 14.15 0.07
C GLU A 228 18.28 13.12 1.14
N ALA A 229 17.91 11.83 0.90
CA ALA A 229 18.26 10.80 1.85
C ALA A 229 19.77 10.56 1.84
N MET A 230 20.36 10.48 0.64
CA MET A 230 21.80 10.26 0.53
CA MET A 230 21.81 10.30 0.49
C MET A 230 22.57 11.31 1.33
N ALA A 231 22.14 12.58 1.24
CA ALA A 231 22.82 13.66 1.92
C ALA A 231 22.73 13.59 3.42
N ASP A 232 21.80 12.82 3.96
CA ASP A 232 21.60 12.71 5.40
C ASP A 232 22.15 11.38 6.01
N LEU A 233 22.62 10.45 5.15
CA LEU A 233 23.08 9.16 5.63
C LEU A 233 24.23 9.32 6.66
N HIS A 234 25.04 10.37 6.56
CA HIS A 234 26.17 10.55 7.46
C HIS A 234 25.76 10.66 8.92
N THR A 235 24.48 10.98 9.18
CA THR A 235 24.00 11.16 10.54
C THR A 235 23.65 9.84 11.21
N LEU A 236 23.60 8.72 10.45
CA LEU A 236 23.06 7.49 10.92
C LEU A 236 24.04 6.48 11.45
N SER A 237 23.53 5.65 12.37
CA SER A 237 24.25 4.50 12.86
C SER A 237 24.31 3.46 11.73
N GLU A 238 25.12 2.41 11.90
CA GLU A 238 25.25 1.34 10.90
C GLU A 238 23.90 0.67 10.64
N ASP A 239 23.13 0.39 11.69
CA ASP A 239 21.84 -0.28 11.49
C ASP A 239 20.82 0.64 10.80
N SER A 240 20.74 1.90 11.17
CA SER A 240 19.81 2.85 10.51
C SER A 240 20.23 3.09 9.04
N TYR A 241 21.53 3.13 8.80
CA TYR A 241 22.07 3.25 7.44
C TYR A 241 21.62 2.07 6.58
N LYS A 242 21.67 0.84 7.14
CA LYS A 242 21.20 -0.33 6.39
C LYS A 242 19.71 -0.22 6.08
N ASP A 243 18.90 0.19 7.07
CA ASP A 243 17.44 0.33 6.91
C ASP A 243 17.13 1.33 5.78
N SER A 244 17.77 2.50 5.84
CA SER A 244 17.48 3.55 4.86
C SER A 244 17.98 3.20 3.47
N THR A 245 19.21 2.66 3.37
CA THR A 245 19.75 2.37 2.05
C THR A 245 18.97 1.25 1.34
N LEU A 246 18.36 0.33 2.12
CA LEU A 246 17.55 -0.74 1.47
C LEU A 246 16.37 -0.10 0.71
N ILE A 247 15.73 0.90 1.31
CA ILE A 247 14.58 1.54 0.64
C ILE A 247 15.03 2.45 -0.46
N MET A 248 16.16 3.15 -0.24
CA MET A 248 16.74 3.96 -1.31
C MET A 248 17.01 3.14 -2.57
N GLN A 249 17.44 1.87 -2.41
CA GLN A 249 17.71 1.02 -3.57
C GLN A 249 16.43 0.76 -4.36
N LEU A 250 15.28 0.69 -3.69
CA LEU A 250 14.00 0.53 -4.40
C LEU A 250 13.67 1.74 -5.23
N LEU A 251 13.96 2.96 -4.71
CA LEU A 251 13.78 4.18 -5.50
C LEU A 251 14.68 4.11 -6.74
N ARG A 252 15.95 3.69 -6.57
CA ARG A 252 16.87 3.59 -7.69
CA ARG A 252 16.87 3.60 -7.69
C ARG A 252 16.40 2.56 -8.70
N ASP A 253 15.86 1.45 -8.24
CA ASP A 253 15.36 0.39 -9.14
C ASP A 253 14.25 0.95 -10.04
N ASN A 254 13.33 1.73 -9.45
CA ASN A 254 12.27 2.35 -10.24
C ASN A 254 12.81 3.36 -11.19
N LEU A 255 13.76 4.20 -10.73
CA LEU A 255 14.35 5.18 -11.63
C LEU A 255 15.05 4.53 -12.81
N THR A 256 15.70 3.37 -12.61
CA THR A 256 16.40 2.74 -13.80
CA THR A 256 16.37 2.68 -13.73
C THR A 256 15.32 2.11 -14.71
N LEU A 257 14.15 1.68 -14.19
CA LEU A 257 13.07 1.18 -15.05
CA LEU A 257 13.10 1.18 -15.05
C LEU A 257 12.42 2.34 -15.83
N TRP A 258 12.31 3.53 -15.21
CA TRP A 258 11.61 4.66 -15.80
C TRP A 258 12.39 5.57 -16.66
N THR A 259 13.74 5.54 -16.56
CA THR A 259 14.61 6.43 -17.31
C THR A 259 15.57 5.61 -18.17
N ALA B 4 6.92 -1.28 -12.06
CA ALA B 4 7.44 -0.46 -10.94
C ALA B 4 7.39 -1.26 -9.65
N ILE B 5 8.29 -1.00 -8.70
CA ILE B 5 8.39 -1.69 -7.43
C ILE B 5 7.90 -0.79 -6.31
N SEP B 6 6.93 -1.28 -5.50
CA SEP B 6 6.46 -0.49 -4.39
CB SEP B 6 4.91 -0.34 -4.36
OG SEP B 6 4.46 -1.65 -4.15
C SEP B 6 7.16 -1.04 -3.14
O SEP B 6 7.94 -1.99 -3.24
P SEP B 6 2.92 -1.79 -4.08
O1P SEP B 6 2.82 -3.29 -3.89
O2P SEP B 6 2.30 -1.51 -5.48
O3P SEP B 6 2.46 -0.96 -2.83
N GLU B 7 6.91 -0.42 -1.97
CA GLU B 7 7.58 -0.70 -0.69
C GLU B 7 7.60 -2.18 -0.31
N HIS B 24 7.01 -2.77 -10.94
CA HIS B 24 7.58 -1.72 -10.09
C HIS B 24 7.74 -2.17 -8.64
N LYS B 25 8.59 -1.48 -7.90
CA LYS B 25 8.84 -1.84 -6.50
C LYS B 25 8.06 -0.89 -5.63
N SEP B 26 7.30 -1.46 -4.72
CA SEP B 26 6.57 -0.68 -3.76
CB SEP B 26 5.01 -0.73 -3.94
OG SEP B 26 4.61 -2.10 -3.79
C SEP B 26 7.22 -1.06 -2.43
O SEP B 26 8.05 -2.00 -2.37
P SEP B 26 3.04 -2.30 -3.92
O1P SEP B 26 2.92 -3.78 -3.66
O2P SEP B 26 2.54 -1.73 -5.28
O3P SEP B 26 2.35 -1.58 -2.76
N ASP B 27 6.85 -0.36 -1.37
CA ASP B 27 7.40 -0.58 -0.05
C ASP B 27 6.85 -1.90 0.53
C1 GOL C . -12.20 -8.15 5.11
O1 GOL C . -12.55 -8.42 3.74
C2 GOL C . -11.00 -8.93 5.60
O2 GOL C . -9.94 -8.76 4.71
C3 GOL C . -10.52 -8.50 6.99
O3 GOL C . -9.55 -9.39 7.57
C1 PEG D . -19.03 -7.14 -9.48
O1 PEG D . -17.65 -7.23 -9.80
C2 PEG D . -19.69 -6.01 -10.20
O2 PEG D . -19.07 -4.78 -9.86
C3 PEG D . -19.79 -3.65 -10.31
C4 PEG D . -19.38 -3.32 -11.72
O4 PEG D . -18.36 -2.33 -11.74
CL CL E . -6.65 -19.58 17.57
MG MG F . -8.27 -7.71 28.15
MG MG G . -3.13 9.29 20.24
#